data_8B6M
#
_entry.id   8B6M
#
_cell.length_a   90.570
_cell.length_b   97.370
_cell.length_c   119.240
_cell.angle_alpha   90.000
_cell.angle_beta   90.000
_cell.angle_gamma   90.000
#
_symmetry.space_group_name_H-M   'C 2 2 21'
#
loop_
_entity.id
_entity.type
_entity.pdbx_description
1 polymer 'Poly [ADP-ribose] polymerase tankyrase-2'
2 polymer 'Poly [ADP-ribose] polymerase tankyrase-2'
3 non-polymer ~{N}-(2-methoxyphenyl)-4-[[2-(4-oxidanylidene-3~{H}-quinazolin-2-yl)ethyl-(thiophen-2-ylmethyl)carbamoyl]amino]benzamide
4 non-polymer 'SULFATE ION'
5 non-polymer 'ZINC ION'
6 non-polymer GLYCEROL
7 water water
#
loop_
_entity_poly.entity_id
_entity_poly.type
_entity_poly.pdbx_seq_one_letter_code
_entity_poly.pdbx_strand_id
1 'polypeptide(L)'
;SMLNTSGSGTILIDLSPDDKEFQSVEEEMQSTVREHRDGGHAGGIFNRYNILKIQKVCNKKLWERYTHRRKEVSEENHNH
ANERMLFHGSPFVNAIIHKGFDERHAYIGGMFGAGIYFAENSSKSNQYVYGIGGGTGCPVHKDRSCYICHRQLLFCRVTL
GKSFLQFSAMK
;
A,C
2 'polypeptide(L)' MAHSPPGHHSVTGRPSVNGLALAEYVIYRGEQAYPEYLITYQIMRPEG B,D
#
# COMPACT_ATOMS: atom_id res chain seq x y z
N GLY A 9 -27.01 4.35 25.94
CA GLY A 9 -26.28 3.93 27.14
C GLY A 9 -24.95 4.69 27.26
N THR A 10 -24.55 5.44 26.21
CA THR A 10 -23.24 6.06 26.26
C THR A 10 -23.33 7.46 26.84
N ILE A 11 -22.47 7.77 27.81
CA ILE A 11 -22.24 9.14 28.21
C ILE A 11 -20.78 9.51 27.96
N LEU A 12 -20.53 10.78 27.69
CA LEU A 12 -19.20 11.30 27.40
C LEU A 12 -18.78 12.25 28.53
N ILE A 13 -17.67 11.91 29.16
CA ILE A 13 -17.13 12.71 30.25
C ILE A 13 -15.93 13.49 29.76
N ASP A 14 -16.06 14.81 29.81
CA ASP A 14 -15.05 15.70 29.37
C ASP A 14 -13.90 15.69 30.37
N LEU A 15 -12.69 15.52 29.87
CA LEU A 15 -11.53 15.60 30.72
C LEU A 15 -10.98 17.02 30.69
N SER A 16 -10.55 17.44 31.87
CA SER A 16 -9.87 18.70 32.00
C SER A 16 -8.46 18.62 31.44
N PRO A 17 -7.93 19.64 30.76
CA PRO A 17 -6.53 19.66 30.33
C PRO A 17 -5.49 19.53 31.45
N ASP A 18 -5.91 19.81 32.68
CA ASP A 18 -5.06 19.67 33.84
C ASP A 18 -5.06 18.24 34.38
N ASP A 19 -5.96 17.37 33.87
CA ASP A 19 -6.03 15.98 34.27
C ASP A 19 -4.87 15.21 33.64
N LYS A 20 -4.11 14.44 34.42
CA LYS A 20 -2.99 13.67 33.88
C LYS A 20 -3.46 12.70 32.78
N GLU A 21 -4.73 12.27 32.86
CA GLU A 21 -5.27 11.37 31.86
C GLU A 21 -5.44 12.11 30.51
N PHE A 22 -5.93 13.35 30.53
CA PHE A 22 -5.93 14.19 29.33
C PHE A 22 -4.52 14.28 28.77
N GLN A 23 -3.58 14.63 29.64
CA GLN A 23 -2.19 14.84 29.26
C GLN A 23 -1.56 13.61 28.61
N SER A 24 -1.80 12.40 29.15
CA SER A 24 -1.13 11.24 28.59
C SER A 24 -1.75 10.86 27.23
N VAL A 25 -3.06 11.03 27.10
CA VAL A 25 -3.73 10.77 25.81
C VAL A 25 -3.26 11.79 24.78
N GLU A 26 -3.20 13.08 25.15
CA GLU A 26 -2.71 14.07 24.20
C GLU A 26 -1.27 13.76 23.78
N GLU A 27 -0.41 13.30 24.68
CA GLU A 27 0.99 13.05 24.35
C GLU A 27 1.03 11.90 23.35
N GLU A 28 0.16 10.89 23.53
CA GLU A 28 0.17 9.78 22.59
C GLU A 28 -0.27 10.26 21.20
N MET A 29 -1.26 11.13 21.15
CA MET A 29 -1.76 11.67 19.89
C MET A 29 -0.63 12.45 19.20
N GLN A 30 0.06 13.33 19.94
CA GLN A 30 1.02 14.25 19.35
C GLN A 30 2.30 13.53 18.94
N SER A 31 2.74 12.60 19.78
CA SER A 31 4.07 11.99 19.64
C SER A 31 4.07 10.93 18.53
N THR A 32 2.89 10.53 18.04
CA THR A 32 2.81 9.48 17.03
C THR A 32 2.42 10.03 15.67
N VAL A 33 2.49 11.35 15.50
CA VAL A 33 2.44 11.95 14.17
C VAL A 33 3.70 11.58 13.40
N ARG A 34 3.51 11.26 12.12
CA ARG A 34 4.62 11.05 11.21
C ARG A 34 4.25 11.66 9.87
N GLU A 35 5.29 11.76 8.99
CA GLU A 35 5.07 12.04 7.59
C GLU A 35 4.55 10.80 6.88
N HIS A 36 3.72 11.04 5.89
CA HIS A 36 3.05 10.01 5.11
C HIS A 36 3.54 10.04 3.67
N ARG A 37 3.56 8.88 3.02
CA ARG A 37 4.15 8.74 1.69
C ARG A 37 3.34 9.46 0.63
N ASP A 38 2.10 9.86 0.96
CA ASP A 38 1.23 10.62 0.07
C ASP A 38 1.44 12.14 0.12
N GLY A 39 2.44 12.58 0.88
CA GLY A 39 2.82 13.97 1.04
C GLY A 39 1.72 14.78 1.72
N GLY A 40 0.78 14.11 2.37
CA GLY A 40 -0.35 14.78 3.00
C GLY A 40 -1.66 14.72 2.20
N HIS A 41 -1.70 13.98 1.08
CA HIS A 41 -2.88 13.97 0.23
C HIS A 41 -4.15 13.59 0.99
N ALA A 42 -4.12 12.46 1.72
CA ALA A 42 -5.32 11.92 2.36
C ALA A 42 -5.65 12.71 3.62
N GLY A 43 -4.65 12.97 4.46
CA GLY A 43 -4.92 13.43 5.81
C GLY A 43 -4.60 14.89 6.03
N GLY A 44 -3.89 15.54 5.09
CA GLY A 44 -3.48 16.89 5.25
C GLY A 44 -2.00 17.04 5.62
N ILE A 45 -1.52 18.29 5.56
CA ILE A 45 -0.14 18.62 5.84
C ILE A 45 -0.05 19.23 7.24
N PHE A 46 0.64 18.52 8.14
CA PHE A 46 0.75 18.94 9.53
C PHE A 46 1.84 18.12 10.22
N ASN A 47 2.37 18.68 11.29
CA ASN A 47 3.32 18.03 12.18
C ASN A 47 2.73 17.83 13.57
N ARG A 48 1.61 18.51 13.90
CA ARG A 48 1.01 18.42 15.22
C ARG A 48 -0.46 18.84 15.11
N TYR A 49 -1.17 18.64 16.23
CA TYR A 49 -2.57 18.91 16.34
C TYR A 49 -2.81 20.00 17.38
N ASN A 50 -3.98 20.63 17.20
CA ASN A 50 -4.59 21.44 18.24
C ASN A 50 -5.68 20.58 18.86
N ILE A 51 -5.46 20.05 20.07
CA ILE A 51 -6.45 19.21 20.73
C ILE A 51 -7.48 20.13 21.36
N LEU A 52 -8.72 19.93 20.97
CA LEU A 52 -9.82 20.80 21.41
C LEU A 52 -10.54 20.17 22.62
N LYS A 53 -10.69 18.85 22.63
CA LYS A 53 -11.42 18.14 23.64
C LYS A 53 -11.02 16.68 23.69
N ILE A 54 -11.00 16.12 24.90
CA ILE A 54 -10.81 14.68 25.08
C ILE A 54 -11.90 14.22 26.02
N GLN A 55 -12.76 13.33 25.54
CA GLN A 55 -13.89 12.79 26.28
C GLN A 55 -13.71 11.30 26.53
N LYS A 56 -13.98 10.87 27.78
N LYS A 56 -13.93 10.88 27.78
CA LYS A 56 -14.04 9.46 28.11
CA LYS A 56 -14.04 9.47 28.09
C LYS A 56 -15.40 8.90 27.71
C LYS A 56 -15.39 8.96 27.62
N VAL A 57 -15.38 7.80 26.97
CA VAL A 57 -16.59 7.14 26.52
C VAL A 57 -16.98 6.11 27.55
N CYS A 58 -18.21 6.29 28.08
CA CYS A 58 -18.69 5.49 29.21
C CYS A 58 -19.95 4.76 28.79
N ASN A 59 -19.87 3.44 28.69
CA ASN A 59 -21.01 2.62 28.33
C ASN A 59 -20.83 1.24 28.95
N LYS A 60 -21.66 0.94 29.93
CA LYS A 60 -21.48 -0.26 30.72
C LYS A 60 -21.62 -1.53 29.88
N LYS A 61 -22.67 -1.60 29.05
CA LYS A 61 -22.91 -2.77 28.22
C LYS A 61 -21.78 -2.98 27.20
N LEU A 62 -21.27 -1.88 26.58
CA LEU A 62 -20.22 -2.04 25.59
C LEU A 62 -18.92 -2.46 26.27
N TRP A 63 -18.70 -1.95 27.49
CA TRP A 63 -17.51 -2.31 28.24
C TRP A 63 -17.54 -3.78 28.63
N GLU A 64 -18.72 -4.25 29.06
CA GLU A 64 -18.85 -5.64 29.48
C GLU A 64 -18.70 -6.57 28.29
N ARG A 65 -19.19 -6.15 27.12
CA ARG A 65 -19.02 -6.87 25.86
C ARG A 65 -17.53 -7.03 25.57
N TYR A 66 -16.79 -5.93 25.76
CA TYR A 66 -15.34 -5.95 25.56
C TYR A 66 -14.67 -6.90 26.55
N THR A 67 -14.95 -6.78 27.84
CA THR A 67 -14.20 -7.54 28.84
C THR A 67 -14.56 -9.02 28.76
N HIS A 68 -15.80 -9.33 28.31
CA HIS A 68 -16.19 -10.72 28.07
C HIS A 68 -15.32 -11.38 26.99
N ARG A 69 -15.18 -10.67 25.87
CA ARG A 69 -14.38 -11.15 24.76
C ARG A 69 -12.90 -11.21 25.17
N ARG A 70 -12.45 -10.22 25.95
CA ARG A 70 -11.05 -10.14 26.33
C ARG A 70 -10.67 -11.38 27.14
N LYS A 71 -11.58 -11.81 28.04
CA LYS A 71 -11.32 -12.98 28.87
C LYS A 71 -11.30 -14.23 27.99
N GLU A 72 -12.19 -14.31 27.01
CA GLU A 72 -12.16 -15.43 26.08
C GLU A 72 -10.82 -15.54 25.36
N VAL A 73 -10.34 -14.39 24.84
CA VAL A 73 -9.07 -14.39 24.14
C VAL A 73 -7.93 -14.74 25.09
N SER A 74 -7.91 -14.16 26.28
N SER A 74 -7.90 -14.13 26.26
CA SER A 74 -6.83 -14.39 27.23
CA SER A 74 -6.87 -14.39 27.25
C SER A 74 -6.77 -15.86 27.65
C SER A 74 -6.76 -15.89 27.55
N GLU A 75 -7.92 -16.54 27.75
CA GLU A 75 -7.94 -17.95 28.12
C GLU A 75 -7.42 -18.82 26.98
N GLU A 76 -7.48 -18.32 25.74
CA GLU A 76 -7.00 -19.04 24.58
C GLU A 76 -5.51 -18.76 24.34
N ASN A 77 -4.91 -17.88 25.15
CA ASN A 77 -3.56 -17.38 24.90
C ASN A 77 -2.80 -17.18 26.21
N HIS A 78 -2.67 -18.28 26.98
CA HIS A 78 -1.92 -18.30 28.22
C HIS A 78 -2.12 -17.05 29.07
N ASN A 79 -3.40 -16.70 29.27
CA ASN A 79 -3.80 -15.63 30.15
CA ASN A 79 -3.84 -15.62 30.12
C ASN A 79 -3.20 -14.31 29.69
N HIS A 80 -3.16 -14.07 28.39
CA HIS A 80 -2.56 -12.87 27.81
C HIS A 80 -3.47 -12.33 26.72
N ALA A 81 -4.17 -11.22 27.04
CA ALA A 81 -5.04 -10.59 26.07
C ALA A 81 -4.25 -9.83 25.00
N ASN A 82 -2.99 -9.44 25.31
CA ASN A 82 -2.16 -8.63 24.41
C ASN A 82 -2.93 -7.36 24.05
N GLU A 83 -3.30 -6.62 25.09
CA GLU A 83 -4.13 -5.44 24.96
C GLU A 83 -3.26 -4.23 24.68
N ARG A 84 -3.69 -3.48 23.66
CA ARG A 84 -3.00 -2.25 23.24
C ARG A 84 -3.97 -1.05 23.29
N MET A 85 -3.39 0.16 23.29
CA MET A 85 -4.18 1.37 23.09
C MET A 85 -3.79 1.93 21.71
N LEU A 86 -4.80 2.01 20.82
CA LEU A 86 -4.55 2.29 19.40
C LEU A 86 -5.57 3.31 18.91
N PHE A 87 -5.21 4.00 17.83
CA PHE A 87 -6.12 4.95 17.23
C PHE A 87 -6.99 4.33 16.16
N HIS A 88 -8.19 4.91 16.05
CA HIS A 88 -9.10 4.57 14.96
C HIS A 88 -9.69 5.86 14.42
N GLY A 89 -9.61 6.04 13.09
CA GLY A 89 -10.31 7.12 12.43
C GLY A 89 -11.27 6.58 11.39
N SER A 90 -12.46 7.18 11.36
CA SER A 90 -13.41 6.89 10.31
C SER A 90 -14.54 7.89 10.44
N PRO A 91 -15.39 8.03 9.40
CA PRO A 91 -16.53 8.94 9.48
C PRO A 91 -17.63 8.46 10.42
N PHE A 92 -17.43 7.31 11.07
CA PHE A 92 -18.50 6.64 11.80
C PHE A 92 -18.24 6.63 13.30
N VAL A 93 -17.37 7.53 13.80
CA VAL A 93 -16.97 7.48 15.20
C VAL A 93 -18.20 7.75 16.08
N ASN A 94 -19.15 8.56 15.63
CA ASN A 94 -20.29 8.87 16.48
C ASN A 94 -21.20 7.64 16.60
N ALA A 95 -21.35 6.80 15.55
CA ALA A 95 -22.02 5.53 15.67
C ALA A 95 -21.26 4.55 16.57
N ILE A 96 -19.93 4.53 16.44
CA ILE A 96 -19.14 3.54 17.18
C ILE A 96 -19.27 3.78 18.68
N ILE A 97 -19.28 5.03 19.10
CA ILE A 97 -19.26 5.28 20.53
C ILE A 97 -20.62 4.95 21.18
N HIS A 98 -21.69 4.93 20.37
CA HIS A 98 -23.02 4.64 20.89
C HIS A 98 -23.33 3.16 20.76
N LYS A 99 -22.88 2.49 19.68
CA LYS A 99 -23.31 1.15 19.38
C LYS A 99 -22.20 0.12 19.46
N GLY A 100 -20.95 0.59 19.53
CA GLY A 100 -19.80 -0.30 19.52
C GLY A 100 -19.30 -0.52 18.11
N PHE A 101 -18.06 -1.04 18.03
CA PHE A 101 -17.57 -1.45 16.73
C PHE A 101 -18.34 -2.67 16.23
N ASP A 102 -18.54 -2.71 14.93
CA ASP A 102 -19.32 -3.79 14.35
C ASP A 102 -18.60 -4.23 13.09
N GLU A 103 -18.16 -5.49 13.07
CA GLU A 103 -17.36 -6.02 11.97
C GLU A 103 -18.20 -6.13 10.69
N ARG A 104 -19.51 -5.91 10.76
CA ARG A 104 -20.35 -5.90 9.57
C ARG A 104 -20.11 -4.65 8.73
N HIS A 105 -19.46 -3.62 9.31
CA HIS A 105 -19.00 -2.46 8.56
C HIS A 105 -17.47 -2.46 8.44
N ALA A 106 -16.88 -3.65 8.20
CA ALA A 106 -15.43 -3.80 8.15
C ALA A 106 -14.85 -3.22 6.84
N TYR A 107 -13.60 -2.71 6.92
CA TYR A 107 -12.88 -2.16 5.79
C TYR A 107 -12.59 -3.27 4.76
N ILE A 108 -13.55 -3.46 3.82
CA ILE A 108 -13.55 -4.57 2.89
C ILE A 108 -12.25 -4.53 2.08
N GLY A 109 -11.78 -3.32 1.78
CA GLY A 109 -10.68 -3.15 0.88
C GLY A 109 -9.33 -2.96 1.56
N GLY A 110 -9.22 -3.21 2.88
CA GLY A 110 -7.94 -2.95 3.53
C GLY A 110 -6.86 -3.94 3.09
N MET A 111 -5.61 -3.61 3.42
CA MET A 111 -4.43 -4.38 3.05
C MET A 111 -4.51 -5.80 3.62
N PHE A 112 -5.25 -5.95 4.73
CA PHE A 112 -5.29 -7.20 5.46
C PHE A 112 -6.71 -7.77 5.45
N GLY A 113 -7.50 -7.45 4.44
CA GLY A 113 -8.82 -8.00 4.32
C GLY A 113 -9.85 -7.22 5.14
N ALA A 114 -11.07 -7.77 5.15
CA ALA A 114 -12.23 -7.09 5.68
C ALA A 114 -12.27 -7.24 7.20
N GLY A 115 -11.67 -6.29 7.91
CA GLY A 115 -11.75 -6.23 9.35
C GLY A 115 -11.79 -4.78 9.80
N ILE A 116 -11.58 -4.57 11.11
CA ILE A 116 -11.60 -3.25 11.71
C ILE A 116 -10.16 -2.85 12.02
N TYR A 117 -9.77 -1.69 11.49
CA TYR A 117 -8.38 -1.31 11.41
C TYR A 117 -8.07 -0.22 12.46
N PHE A 118 -6.86 -0.37 13.04
CA PHE A 118 -6.33 0.52 14.05
C PHE A 118 -4.88 0.86 13.74
N ALA A 119 -4.41 1.99 14.25
CA ALA A 119 -3.04 2.38 14.00
C ALA A 119 -2.35 2.84 15.28
N GLU A 120 -1.05 2.54 15.38
CA GLU A 120 -0.15 3.20 16.33
C GLU A 120 0.07 4.68 16.05
N ASN A 121 0.19 5.03 14.76
CA ASN A 121 0.36 6.41 14.38
C ASN A 121 -0.99 7.12 14.32
N SER A 122 -1.20 8.12 15.20
CA SER A 122 -2.42 8.91 15.11
C SER A 122 -2.62 9.49 13.70
N SER A 123 -1.52 9.90 13.05
CA SER A 123 -1.62 10.53 11.75
C SER A 123 -2.06 9.53 10.67
N LYS A 124 -1.83 8.21 10.86
CA LYS A 124 -2.40 7.21 9.98
C LYS A 124 -3.93 7.22 10.14
N SER A 125 -4.43 7.10 11.37
CA SER A 125 -5.87 7.16 11.58
C SER A 125 -6.48 8.46 11.05
N ASN A 126 -5.75 9.58 11.15
CA ASN A 126 -6.25 10.86 10.66
C ASN A 126 -6.57 10.81 9.16
N GLN A 127 -5.85 9.96 8.40
CA GLN A 127 -6.07 9.87 6.97
C GLN A 127 -7.47 9.35 6.63
N TYR A 128 -8.17 8.73 7.60
CA TYR A 128 -9.44 8.08 7.35
C TYR A 128 -10.64 8.82 7.95
N VAL A 129 -10.41 9.91 8.65
CA VAL A 129 -11.49 10.63 9.33
C VAL A 129 -12.59 11.06 8.35
N TYR A 130 -12.20 11.47 7.14
CA TYR A 130 -13.14 11.94 6.13
C TYR A 130 -13.44 10.87 5.07
N GLY A 131 -13.00 9.62 5.32
CA GLY A 131 -13.28 8.55 4.38
C GLY A 131 -11.99 7.88 3.91
N ILE A 132 -12.16 6.83 3.11
CA ILE A 132 -11.00 6.13 2.57
C ILE A 132 -10.22 7.15 1.77
N GLY A 133 -8.90 7.20 1.98
CA GLY A 133 -8.05 8.13 1.25
C GLY A 133 -8.38 9.59 1.54
N GLY A 134 -9.08 9.83 2.68
CA GLY A 134 -9.52 11.17 3.00
C GLY A 134 -10.81 11.61 2.29
N GLY A 135 -11.41 10.72 1.48
CA GLY A 135 -12.62 11.04 0.75
C GLY A 135 -12.46 12.35 -0.01
N THR A 136 -13.44 13.25 0.15
CA THR A 136 -13.39 14.56 -0.49
C THR A 136 -13.00 15.62 0.54
N GLY A 137 -12.52 15.18 1.72
CA GLY A 137 -12.10 16.11 2.74
C GLY A 137 -13.27 16.55 3.60
N CYS A 138 -13.08 17.66 4.31
CA CYS A 138 -14.07 18.14 5.26
C CYS A 138 -15.38 18.43 4.55
N PRO A 139 -16.54 18.22 5.18
CA PRO A 139 -17.82 18.47 4.51
C PRO A 139 -18.07 19.92 4.08
N VAL A 140 -17.50 20.87 4.83
CA VAL A 140 -17.81 22.28 4.68
C VAL A 140 -17.01 22.85 3.52
N HIS A 141 -15.71 22.53 3.43
CA HIS A 141 -14.81 23.15 2.48
C HIS A 141 -14.25 22.16 1.44
N LYS A 142 -14.60 20.87 1.56
CA LYS A 142 -14.09 19.81 0.68
C LYS A 142 -12.56 19.85 0.61
N ASP A 143 -11.95 20.00 1.79
CA ASP A 143 -10.50 20.11 1.88
C ASP A 143 -9.94 19.00 2.77
N ARG A 144 -9.13 18.10 2.21
CA ARG A 144 -8.55 17.04 3.04
C ARG A 144 -7.51 17.59 4.01
N SER A 145 -6.94 18.78 3.73
CA SER A 145 -6.00 19.45 4.61
C SER A 145 -6.64 20.63 5.37
N CYS A 146 -7.95 20.58 5.57
CA CYS A 146 -8.63 21.67 6.27
C CYS A 146 -8.03 21.87 7.65
N TYR A 147 -7.69 23.15 7.94
CA TYR A 147 -7.15 23.53 9.24
C TYR A 147 -8.23 24.14 10.14
N ILE A 148 -9.45 24.26 9.62
CA ILE A 148 -10.53 24.93 10.34
C ILE A 148 -11.43 23.89 10.99
N CYS A 149 -11.89 22.92 10.19
CA CYS A 149 -12.92 21.99 10.63
C CYS A 149 -12.39 21.05 11.72
N HIS A 150 -13.27 20.78 12.66
CA HIS A 150 -12.98 19.85 13.73
C HIS A 150 -13.06 18.42 13.24
N ARG A 151 -12.08 17.63 13.66
CA ARG A 151 -11.93 16.24 13.35
C ARG A 151 -12.03 15.46 14.64
N GLN A 152 -12.41 14.18 14.51
CA GLN A 152 -12.47 13.30 15.68
C GLN A 152 -11.76 12.00 15.37
N LEU A 153 -11.01 11.53 16.37
CA LEU A 153 -10.41 10.20 16.39
C LEU A 153 -10.88 9.49 17.65
N LEU A 154 -10.84 8.17 17.61
CA LEU A 154 -10.98 7.34 18.80
C LEU A 154 -9.62 6.82 19.23
N PHE A 155 -9.39 6.82 20.54
CA PHE A 155 -8.24 6.13 21.09
C PHE A 155 -8.82 4.97 21.89
N CYS A 156 -8.49 3.75 21.45
CA CYS A 156 -9.25 2.57 21.74
C CYS A 156 -8.41 1.51 22.44
N ARG A 157 -9.03 0.77 23.33
CA ARG A 157 -8.44 -0.40 23.96
C ARG A 157 -8.78 -1.60 23.09
N VAL A 158 -7.72 -2.29 22.62
CA VAL A 158 -7.87 -3.33 21.61
C VAL A 158 -7.20 -4.60 22.11
N THR A 159 -7.95 -5.70 22.08
CA THR A 159 -7.42 -7.02 22.40
C THR A 159 -6.85 -7.64 21.14
N LEU A 160 -5.52 -7.84 21.10
CA LEU A 160 -4.93 -8.48 19.92
C LEU A 160 -4.83 -10.00 20.03
N GLY A 161 -4.78 -10.51 21.26
CA GLY A 161 -4.45 -11.90 21.49
C GLY A 161 -3.23 -12.32 20.67
N LYS A 162 -3.28 -13.55 20.13
CA LYS A 162 -2.23 -14.05 19.27
C LYS A 162 -2.41 -13.41 17.90
N SER A 163 -1.45 -12.55 17.53
CA SER A 163 -1.58 -11.75 16.32
C SER A 163 -0.74 -12.35 15.19
N PHE A 164 -1.34 -12.41 14.01
CA PHE A 164 -0.68 -12.90 12.81
C PHE A 164 0.18 -11.79 12.24
N LEU A 165 1.48 -12.04 12.08
N LEU A 165 1.50 -12.02 12.17
CA LEU A 165 2.41 -11.00 11.66
CA LEU A 165 2.42 -11.04 11.62
C LEU A 165 2.58 -11.01 10.14
C LEU A 165 2.37 -11.09 10.10
N GLN A 166 2.12 -9.93 9.51
CA GLN A 166 2.19 -9.72 8.08
C GLN A 166 3.25 -8.64 7.84
N PHE A 167 4.35 -8.99 7.16
CA PHE A 167 5.35 -8.00 6.77
C PHE A 167 4.77 -7.33 5.51
N SER A 168 4.94 -6.02 5.34
CA SER A 168 4.16 -5.37 4.28
C SER A 168 4.80 -4.05 3.83
N ALA B 2 -14.43 -10.96 7.10
CA ALA B 2 -13.33 -11.95 7.18
C ALA B 2 -13.23 -12.51 8.60
N HIS B 3 -12.48 -13.60 8.72
CA HIS B 3 -12.09 -14.17 10.00
C HIS B 3 -10.61 -13.90 10.19
N SER B 4 -10.17 -13.94 11.45
CA SER B 4 -8.74 -13.93 11.75
C SER B 4 -8.14 -15.16 11.10
N PRO B 5 -6.82 -15.15 10.77
CA PRO B 5 -6.14 -16.39 10.34
C PRO B 5 -6.36 -17.47 11.38
N PRO B 6 -6.61 -18.75 11.01
CA PRO B 6 -6.70 -19.82 12.00
C PRO B 6 -5.62 -19.79 13.10
N GLY B 7 -6.07 -19.96 14.35
CA GLY B 7 -5.19 -20.00 15.50
C GLY B 7 -4.73 -18.59 15.90
N HIS B 8 -5.37 -17.53 15.35
CA HIS B 8 -5.00 -16.15 15.64
C HIS B 8 -6.24 -15.32 15.98
N HIS B 9 -6.05 -14.21 16.69
CA HIS B 9 -7.14 -13.32 17.09
C HIS B 9 -7.11 -11.93 16.43
N SER B 10 -6.08 -11.66 15.65
CA SER B 10 -5.88 -10.38 14.99
C SER B 10 -4.78 -10.55 13.94
N VAL B 11 -4.57 -9.47 13.18
CA VAL B 11 -3.45 -9.34 12.27
C VAL B 11 -2.67 -8.08 12.61
N THR B 12 -1.35 -8.18 12.55
CA THR B 12 -0.44 -7.06 12.70
C THR B 12 0.19 -6.79 11.35
N GLY B 13 0.00 -5.58 10.83
CA GLY B 13 0.69 -5.13 9.64
C GLY B 13 1.95 -4.42 10.05
N ARG B 14 3.09 -5.10 9.86
CA ARG B 14 4.38 -4.50 10.14
CA ARG B 14 4.39 -4.51 10.13
C ARG B 14 4.89 -3.73 8.93
N PRO B 15 5.37 -2.48 9.09
CA PRO B 15 5.99 -1.78 7.95
C PRO B 15 7.28 -2.48 7.56
N SER B 16 7.49 -2.77 6.23
CA SER B 16 8.71 -3.40 5.69
C SER B 16 9.49 -2.49 4.71
N VAL B 17 9.06 -1.22 4.51
CA VAL B 17 9.69 -0.30 3.57
C VAL B 17 10.02 0.98 4.34
N ASN B 18 8.97 1.64 4.84
CA ASN B 18 9.06 2.91 5.55
C ASN B 18 9.49 2.63 6.99
N GLY B 19 10.81 2.87 7.18
CA GLY B 19 11.47 2.71 8.45
C GLY B 19 10.86 3.52 9.57
N LEU B 20 10.09 4.61 9.27
CA LEU B 20 9.58 5.43 10.38
C LEU B 20 8.10 5.11 10.71
N ALA B 21 7.42 4.30 9.90
CA ALA B 21 6.02 3.95 10.16
C ALA B 21 5.90 3.00 11.35
N LEU B 22 4.85 3.20 12.14
CA LEU B 22 4.49 2.27 13.19
C LEU B 22 3.48 1.26 12.63
N ALA B 23 3.22 0.22 13.42
CA ALA B 23 2.35 -0.86 13.07
C ALA B 23 0.90 -0.42 12.96
N GLU B 24 0.17 -1.22 12.18
CA GLU B 24 -1.27 -1.17 12.04
C GLU B 24 -1.82 -2.54 12.38
N TYR B 25 -3.07 -2.60 12.84
CA TYR B 25 -3.63 -3.82 13.38
C TYR B 25 -5.05 -3.96 12.86
N VAL B 26 -5.47 -5.23 12.69
CA VAL B 26 -6.82 -5.52 12.28
C VAL B 26 -7.40 -6.56 13.23
N ILE B 27 -8.65 -6.32 13.66
CA ILE B 27 -9.46 -7.28 14.37
C ILE B 27 -10.68 -7.60 13.52
N TYR B 28 -11.23 -8.79 13.78
CA TYR B 28 -12.33 -9.29 12.97
C TYR B 28 -13.59 -9.43 13.82
N ARG B 29 -13.54 -9.05 15.08
CA ARG B 29 -14.68 -9.09 15.98
C ARG B 29 -14.78 -7.71 16.62
N GLY B 30 -15.92 -7.03 16.48
CA GLY B 30 -16.10 -5.72 17.11
C GLY B 30 -15.93 -5.73 18.62
N GLU B 31 -16.19 -6.88 19.28
CA GLU B 31 -16.09 -6.98 20.73
C GLU B 31 -14.64 -6.93 21.18
N GLN B 32 -13.67 -6.94 20.25
CA GLN B 32 -12.27 -6.92 20.65
C GLN B 32 -11.71 -5.52 20.75
N ALA B 33 -12.56 -4.48 20.66
CA ALA B 33 -12.11 -3.11 20.86
C ALA B 33 -13.18 -2.34 21.63
N TYR B 34 -12.70 -1.44 22.46
CA TYR B 34 -13.55 -0.54 23.22
C TYR B 34 -13.07 0.88 22.95
N PRO B 35 -13.96 1.81 22.51
CA PRO B 35 -13.56 3.19 22.23
C PRO B 35 -13.45 3.98 23.53
N GLU B 36 -12.27 4.05 24.10
CA GLU B 36 -12.08 4.58 25.44
C GLU B 36 -12.16 6.12 25.43
N TYR B 37 -11.55 6.74 24.40
CA TYR B 37 -11.52 8.20 24.32
C TYR B 37 -11.95 8.68 22.94
N LEU B 38 -12.76 9.74 22.99
CA LEU B 38 -13.09 10.50 21.79
C LEU B 38 -12.31 11.80 21.83
N ILE B 39 -11.47 12.00 20.80
CA ILE B 39 -10.57 13.15 20.74
C ILE B 39 -11.01 14.05 19.60
N THR B 40 -11.31 15.31 19.96
CA THR B 40 -11.71 16.31 18.98
C THR B 40 -10.54 17.27 18.80
N TYR B 41 -10.20 17.53 17.54
CA TYR B 41 -8.96 18.20 17.25
C TYR B 41 -9.03 18.92 15.90
N GLN B 42 -8.03 19.79 15.71
CA GLN B 42 -7.69 20.26 14.37
C GLN B 42 -6.27 19.86 14.03
N ILE B 43 -5.97 19.68 12.74
CA ILE B 43 -4.57 19.61 12.34
C ILE B 43 -4.05 21.05 12.28
N MET B 44 -2.75 21.23 12.52
CA MET B 44 -2.22 22.59 12.54
C MET B 44 -1.37 22.83 11.30
N ARG B 45 -1.49 24.03 10.72
CA ARG B 45 -0.66 24.37 9.57
C ARG B 45 0.78 24.54 10.02
N PRO B 46 1.79 23.86 9.41
CA PRO B 46 3.18 24.06 9.80
C PRO B 46 3.60 25.53 9.67
N GLU B 47 4.42 26.01 10.63
CA GLU B 47 4.77 27.43 10.74
C GLU B 47 6.01 27.69 9.88
N GLY C 9 11.55 13.59 -3.98
CA GLY C 9 10.37 14.40 -4.27
C GLY C 9 9.17 13.56 -4.73
N THR C 10 9.15 12.28 -4.35
CA THR C 10 8.09 11.41 -4.83
C THR C 10 6.98 11.38 -3.79
N ILE C 11 5.73 11.51 -4.25
CA ILE C 11 4.58 11.18 -3.44
C ILE C 11 3.81 10.07 -4.13
N LEU C 12 3.17 9.23 -3.30
CA LEU C 12 2.35 8.13 -3.76
C LEU C 12 0.90 8.39 -3.44
N ILE C 13 0.06 8.35 -4.46
CA ILE C 13 -1.36 8.63 -4.29
C ILE C 13 -2.13 7.34 -4.46
N ASP C 14 -2.86 6.94 -3.42
CA ASP C 14 -3.69 5.73 -3.51
C ASP C 14 -4.85 5.95 -4.46
N LEU C 15 -5.08 4.98 -5.34
CA LEU C 15 -6.27 4.96 -6.15
C LEU C 15 -7.34 4.14 -5.45
N SER C 16 -8.58 4.64 -5.61
CA SER C 16 -9.75 3.94 -5.09
C SER C 16 -10.06 2.73 -5.96
N PRO C 17 -10.37 1.58 -5.35
CA PRO C 17 -10.91 0.45 -6.10
C PRO C 17 -12.17 0.75 -6.93
N ASP C 18 -12.93 1.81 -6.57
CA ASP C 18 -14.11 2.21 -7.32
C ASP C 18 -13.78 3.06 -8.54
N ASP C 19 -12.51 3.45 -8.67
CA ASP C 19 -12.02 4.34 -9.72
C ASP C 19 -11.72 3.50 -10.97
N LYS C 20 -12.14 3.97 -12.14
N LYS C 20 -12.21 3.97 -12.12
CA LYS C 20 -11.89 3.26 -13.39
CA LYS C 20 -11.90 3.42 -13.43
C LYS C 20 -10.39 3.10 -13.68
C LYS C 20 -10.42 3.07 -13.54
N GLU C 21 -9.57 4.03 -13.16
CA GLU C 21 -8.13 3.92 -13.35
C GLU C 21 -7.54 2.72 -12.60
N PHE C 22 -7.90 2.56 -11.32
CA PHE C 22 -7.55 1.36 -10.56
C PHE C 22 -7.97 0.11 -11.34
N GLN C 23 -9.23 0.09 -11.76
CA GLN C 23 -9.83 -1.08 -12.39
C GLN C 23 -9.11 -1.41 -13.69
N SER C 24 -8.65 -0.39 -14.42
CA SER C 24 -7.97 -0.60 -15.69
C SER C 24 -6.61 -1.26 -15.43
N VAL C 25 -5.92 -0.77 -14.41
CA VAL C 25 -4.59 -1.28 -14.10
C VAL C 25 -4.75 -2.70 -13.57
N GLU C 26 -5.76 -2.93 -12.72
CA GLU C 26 -5.94 -4.28 -12.22
C GLU C 26 -6.23 -5.21 -13.39
N GLU C 27 -7.06 -4.79 -14.36
CA GLU C 27 -7.38 -5.68 -15.48
C GLU C 27 -6.13 -5.96 -16.31
N GLU C 28 -5.26 -4.96 -16.50
CA GLU C 28 -4.04 -5.20 -17.24
C GLU C 28 -3.14 -6.21 -16.49
N MET C 29 -3.05 -6.14 -15.15
CA MET C 29 -2.32 -7.13 -14.37
C MET C 29 -2.90 -8.54 -14.56
N GLN C 30 -4.22 -8.66 -14.33
CA GLN C 30 -4.86 -9.97 -14.27
C GLN C 30 -4.89 -10.62 -15.65
N SER C 31 -5.18 -9.82 -16.69
CA SER C 31 -5.39 -10.34 -18.03
C SER C 31 -4.08 -10.79 -18.67
N THR C 32 -2.94 -10.36 -18.11
CA THR C 32 -1.66 -10.71 -18.74
C THR C 32 -0.87 -11.74 -17.95
N VAL C 33 -1.52 -12.39 -16.99
CA VAL C 33 -0.97 -13.61 -16.41
C VAL C 33 -0.93 -14.71 -17.47
N ARG C 34 0.20 -15.42 -17.57
CA ARG C 34 0.30 -16.63 -18.37
C ARG C 34 0.99 -17.71 -17.54
N GLU C 35 0.96 -18.94 -18.08
CA GLU C 35 1.79 -20.03 -17.58
C GLU C 35 3.22 -19.80 -18.04
N HIS C 36 4.15 -20.20 -17.17
CA HIS C 36 5.57 -20.09 -17.46
C HIS C 36 6.20 -21.48 -17.58
N ARG C 37 7.23 -21.54 -18.43
CA ARG C 37 7.86 -22.80 -18.81
C ARG C 37 8.65 -23.42 -17.64
N ASP C 38 8.87 -22.64 -16.57
CA ASP C 38 9.51 -23.15 -15.36
C ASP C 38 8.54 -23.76 -14.35
N GLY C 39 7.31 -23.96 -14.79
CA GLY C 39 6.30 -24.60 -13.95
C GLY C 39 5.97 -23.77 -12.72
N GLY C 40 6.40 -22.51 -12.66
CA GLY C 40 6.22 -21.67 -11.47
C GLY C 40 7.45 -21.53 -10.58
N HIS C 41 8.57 -22.12 -10.97
CA HIS C 41 9.76 -22.10 -10.14
C HIS C 41 10.15 -20.69 -9.72
N ALA C 42 10.23 -19.74 -10.64
CA ALA C 42 10.77 -18.42 -10.33
C ALA C 42 9.74 -17.56 -9.62
N GLY C 43 8.52 -17.50 -10.19
CA GLY C 43 7.49 -16.57 -9.75
C GLY C 43 6.40 -17.14 -8.87
N GLY C 44 6.30 -18.47 -8.77
CA GLY C 44 5.22 -19.14 -8.09
C GLY C 44 4.11 -19.66 -8.98
N ILE C 45 3.23 -20.45 -8.37
CA ILE C 45 2.15 -21.09 -9.07
C ILE C 45 0.87 -20.29 -8.80
N PHE C 46 0.32 -19.69 -9.84
CA PHE C 46 -0.89 -18.88 -9.75
C PHE C 46 -1.45 -18.63 -11.14
N ASN C 47 -2.77 -18.36 -11.17
CA ASN C 47 -3.45 -17.92 -12.37
C ASN C 47 -3.96 -16.48 -12.22
N ARG C 48 -3.96 -15.91 -11.00
CA ARG C 48 -4.47 -14.58 -10.79
C ARG C 48 -3.84 -14.01 -9.52
N TYR C 49 -4.06 -12.70 -9.34
CA TYR C 49 -3.56 -12.00 -8.18
C TYR C 49 -4.70 -11.51 -7.30
N ASN C 50 -4.32 -11.25 -6.06
CA ASN C 50 -5.09 -10.41 -5.13
C ASN C 50 -4.41 -9.04 -5.10
N ILE C 51 -5.04 -8.04 -5.73
CA ILE C 51 -4.49 -6.70 -5.77
C ILE C 51 -4.86 -5.99 -4.47
N LEU C 52 -3.86 -5.58 -3.70
CA LEU C 52 -4.07 -4.96 -2.41
C LEU C 52 -4.15 -3.44 -2.50
N LYS C 53 -3.34 -2.84 -3.39
CA LYS C 53 -3.20 -1.41 -3.52
C LYS C 53 -2.60 -1.05 -4.88
N ILE C 54 -3.08 0.05 -5.44
CA ILE C 54 -2.49 0.64 -6.64
C ILE C 54 -2.28 2.11 -6.32
N GLN C 55 -1.04 2.54 -6.40
CA GLN C 55 -0.67 3.93 -6.14
C GLN C 55 -0.08 4.60 -7.37
N LYS C 56 -0.49 5.84 -7.62
CA LYS C 56 0.17 6.67 -8.61
C LYS C 56 1.45 7.23 -8.02
N VAL C 57 2.51 7.13 -8.80
CA VAL C 57 3.80 7.66 -8.43
C VAL C 57 3.95 9.06 -9.03
N CYS C 58 4.14 10.06 -8.18
CA CYS C 58 4.15 11.44 -8.63
C CYS C 58 5.48 12.07 -8.24
N ASN C 59 6.23 12.48 -9.26
CA ASN C 59 7.52 13.12 -9.05
C ASN C 59 7.77 14.05 -10.24
N LYS C 60 7.74 15.37 -9.99
N LYS C 60 7.75 15.36 -9.96
CA LYS C 60 7.83 16.35 -11.06
CA LYS C 60 7.84 16.41 -10.95
C LYS C 60 9.17 16.25 -11.78
C LYS C 60 9.14 16.28 -11.75
N LYS C 61 10.26 16.17 -11.03
CA LYS C 61 11.59 16.15 -11.62
C LYS C 61 11.76 14.88 -12.45
N LEU C 62 11.29 13.72 -11.94
CA LEU C 62 11.43 12.49 -12.71
C LEU C 62 10.57 12.55 -13.95
N TRP C 63 9.37 13.14 -13.84
CA TRP C 63 8.44 13.23 -14.97
C TRP C 63 9.06 14.11 -16.07
N GLU C 64 9.60 15.27 -15.66
CA GLU C 64 10.27 16.15 -16.62
C GLU C 64 11.48 15.48 -17.28
N ARG C 65 12.28 14.70 -16.55
CA ARG C 65 13.38 13.93 -17.11
C ARG C 65 12.84 12.97 -18.19
N TYR C 66 11.76 12.28 -17.84
CA TYR C 66 11.10 11.37 -18.78
C TYR C 66 10.61 12.10 -20.03
N THR C 67 9.86 13.22 -19.90
CA THR C 67 9.25 13.89 -21.06
C THR C 67 10.32 14.55 -21.92
N HIS C 68 11.44 14.91 -21.31
CA HIS C 68 12.50 15.54 -22.07
C HIS C 68 13.17 14.48 -22.96
N ARG C 69 13.39 13.29 -22.40
CA ARG C 69 13.96 12.21 -23.19
C ARG C 69 12.94 11.74 -24.24
N ARG C 70 11.66 11.67 -23.88
CA ARG C 70 10.64 11.22 -24.83
C ARG C 70 10.63 12.13 -26.06
N LYS C 71 10.72 13.44 -25.81
CA LYS C 71 10.77 14.43 -26.89
C LYS C 71 11.98 14.20 -27.80
N GLU C 72 13.17 13.96 -27.22
CA GLU C 72 14.36 13.67 -28.01
C GLU C 72 14.16 12.41 -28.85
N VAL C 73 13.67 11.32 -28.23
CA VAL C 73 13.48 10.09 -28.97
C VAL C 73 12.43 10.26 -30.07
N SER C 74 11.31 10.92 -29.76
CA SER C 74 10.23 11.16 -30.70
C SER C 74 10.75 11.86 -31.97
N GLU C 75 11.54 12.92 -31.76
CA GLU C 75 12.09 13.70 -32.87
C GLU C 75 13.05 12.84 -33.70
N GLU C 76 13.89 12.06 -33.04
CA GLU C 76 14.82 11.17 -33.72
C GLU C 76 14.08 10.10 -34.49
N ASN C 77 12.88 9.72 -34.06
CA ASN C 77 12.12 8.67 -34.71
C ASN C 77 10.94 9.26 -35.48
N HIS C 78 11.14 10.47 -36.06
CA HIS C 78 10.21 11.06 -37.02
C HIS C 78 8.83 11.29 -36.37
N ASN C 79 8.87 11.85 -35.14
CA ASN C 79 7.69 12.28 -34.38
CA ASN C 79 7.68 12.27 -34.42
C ASN C 79 6.88 11.05 -33.98
N HIS C 80 7.57 10.02 -33.50
CA HIS C 80 6.93 8.83 -32.94
C HIS C 80 7.68 8.35 -31.70
N ALA C 81 7.11 8.59 -30.50
CA ALA C 81 7.73 8.14 -29.26
C ALA C 81 7.64 6.62 -29.10
N ASN C 82 6.59 6.01 -29.66
CA ASN C 82 6.37 4.58 -29.51
C ASN C 82 6.33 4.25 -28.02
N GLU C 83 5.44 4.98 -27.35
CA GLU C 83 5.28 4.87 -25.91
C GLU C 83 4.26 3.78 -25.56
N ARG C 84 4.64 2.93 -24.60
CA ARG C 84 3.87 1.78 -24.15
C ARG C 84 3.67 1.89 -22.63
N MET C 85 2.71 1.12 -22.13
CA MET C 85 2.65 0.83 -20.71
C MET C 85 3.05 -0.65 -20.51
N LEU C 86 4.08 -0.84 -19.66
CA LEU C 86 4.69 -2.15 -19.47
C LEU C 86 5.01 -2.41 -18.01
N PHE C 87 5.05 -3.68 -17.64
CA PHE C 87 5.39 -4.07 -16.27
C PHE C 87 6.89 -4.13 -16.05
N HIS C 88 7.30 -3.80 -14.81
CA HIS C 88 8.66 -4.07 -14.38
C HIS C 88 8.63 -4.63 -12.97
N GLY C 89 9.36 -5.71 -12.78
CA GLY C 89 9.54 -6.31 -11.48
C GLY C 89 11.03 -6.37 -11.15
N SER C 90 11.35 -5.99 -9.92
CA SER C 90 12.70 -6.21 -9.41
C SER C 90 12.72 -5.89 -7.94
N PRO C 91 13.81 -6.27 -7.24
CA PRO C 91 13.95 -5.86 -5.84
C PRO C 91 14.21 -4.37 -5.62
N PHE C 92 14.36 -3.59 -6.70
CA PHE C 92 14.82 -2.21 -6.61
C PHE C 92 13.65 -1.23 -6.75
N VAL C 93 12.40 -1.74 -6.76
CA VAL C 93 11.22 -0.89 -6.95
C VAL C 93 11.21 0.31 -5.98
N ASN C 94 11.57 0.12 -4.71
CA ASN C 94 11.43 1.24 -3.79
C ASN C 94 12.50 2.32 -4.09
N ALA C 95 13.65 1.93 -4.62
CA ALA C 95 14.64 2.89 -5.12
C ALA C 95 14.19 3.58 -6.40
N ILE C 96 13.64 2.81 -7.35
CA ILE C 96 13.20 3.36 -8.62
C ILE C 96 12.18 4.48 -8.45
N ILE C 97 11.22 4.28 -7.55
CA ILE C 97 10.12 5.23 -7.42
C ILE C 97 10.63 6.57 -6.85
N HIS C 98 11.76 6.54 -6.13
CA HIS C 98 12.34 7.73 -5.52
C HIS C 98 13.36 8.41 -6.42
N LYS C 99 14.18 7.61 -7.13
CA LYS C 99 15.33 8.12 -7.87
C LYS C 99 15.14 8.00 -9.38
N GLY C 100 14.11 7.25 -9.80
CA GLY C 100 13.92 6.94 -11.21
C GLY C 100 14.76 5.74 -11.62
N PHE C 101 14.50 5.23 -12.83
CA PHE C 101 15.32 4.16 -13.37
C PHE C 101 16.72 4.70 -13.67
N ASP C 102 17.70 3.82 -13.47
CA ASP C 102 19.09 4.16 -13.65
C ASP C 102 19.82 2.99 -14.29
N GLU C 103 20.20 3.19 -15.57
CA GLU C 103 20.81 2.15 -16.38
C GLU C 103 22.18 1.75 -15.82
N ARG C 104 22.80 2.58 -14.97
CA ARG C 104 24.08 2.18 -14.39
C ARG C 104 23.86 1.08 -13.32
N HIS C 105 22.60 0.70 -13.05
CA HIS C 105 22.31 -0.42 -12.17
C HIS C 105 21.71 -1.62 -12.91
N ALA C 106 21.84 -1.72 -14.25
CA ALA C 106 20.94 -2.52 -15.09
C ALA C 106 21.38 -3.98 -15.26
N TYR C 107 20.45 -4.80 -15.85
CA TYR C 107 20.50 -6.26 -15.95
C TYR C 107 21.56 -6.76 -16.95
N ILE C 108 22.75 -7.04 -16.42
CA ILE C 108 23.93 -7.20 -17.24
C ILE C 108 23.71 -8.40 -18.18
N GLY C 109 23.11 -9.48 -17.67
CA GLY C 109 23.06 -10.75 -18.39
C GLY C 109 21.68 -11.11 -18.90
N GLY C 110 20.84 -10.11 -19.23
CA GLY C 110 19.53 -10.39 -19.80
C GLY C 110 19.65 -10.94 -21.23
N MET C 111 18.59 -11.58 -21.75
CA MET C 111 18.68 -12.27 -23.03
C MET C 111 18.84 -11.32 -24.21
N PHE C 112 18.50 -10.03 -24.05
CA PHE C 112 18.64 -9.03 -25.10
C PHE C 112 19.72 -8.01 -24.74
N GLY C 113 20.67 -8.42 -23.88
CA GLY C 113 21.80 -7.59 -23.53
C GLY C 113 21.57 -6.86 -22.21
N ALA C 114 22.60 -6.13 -21.77
CA ALA C 114 22.53 -5.30 -20.58
C ALA C 114 21.49 -4.20 -20.86
N GLY C 115 20.75 -3.81 -19.83
CA GLY C 115 19.70 -2.82 -20.00
C GLY C 115 18.59 -3.05 -18.97
N ILE C 116 17.53 -2.23 -19.06
CA ILE C 116 16.43 -2.25 -18.11
C ILE C 116 15.25 -2.92 -18.82
N TYR C 117 14.71 -3.94 -18.19
CA TYR C 117 13.78 -4.85 -18.83
C TYR C 117 12.34 -4.60 -18.37
N PHE C 118 11.41 -4.74 -19.32
CA PHE C 118 9.98 -4.59 -19.09
C PHE C 118 9.24 -5.72 -19.79
N ALA C 119 8.02 -6.01 -19.31
CA ALA C 119 7.25 -7.10 -19.88
C ALA C 119 5.81 -6.69 -20.13
N GLU C 120 5.23 -7.22 -21.21
CA GLU C 120 3.78 -7.18 -21.42
C GLU C 120 3.02 -8.14 -20.50
N ASN C 121 3.60 -9.29 -20.15
CA ASN C 121 2.99 -10.21 -19.21
C ASN C 121 3.35 -9.81 -17.79
N SER C 122 2.34 -9.43 -16.99
CA SER C 122 2.61 -9.14 -15.60
C SER C 122 3.32 -10.29 -14.90
N SER C 123 2.97 -11.54 -15.24
CA SER C 123 3.54 -12.72 -14.59
C SER C 123 5.02 -12.89 -14.94
N LYS C 124 5.47 -12.37 -16.10
CA LYS C 124 6.91 -12.39 -16.40
C LYS C 124 7.64 -11.47 -15.42
N SER C 125 7.12 -10.23 -15.24
CA SER C 125 7.72 -9.30 -14.29
C SER C 125 7.68 -9.85 -12.87
N ASN C 126 6.62 -10.61 -12.53
CA ASN C 126 6.48 -11.22 -11.20
C ASN C 126 7.65 -12.18 -10.92
N GLN C 127 8.23 -12.79 -11.96
CA GLN C 127 9.33 -13.72 -11.75
C GLN C 127 10.58 -13.02 -11.19
N TYR C 128 10.63 -11.68 -11.24
CA TYR C 128 11.84 -10.94 -10.89
C TYR C 128 11.68 -10.14 -9.59
N VAL C 129 10.50 -10.19 -8.97
CA VAL C 129 10.26 -9.36 -7.79
C VAL C 129 11.21 -9.67 -6.64
N TYR C 130 11.60 -10.94 -6.51
CA TYR C 130 12.52 -11.39 -5.48
C TYR C 130 13.94 -11.62 -6.01
N GLY C 131 14.23 -11.21 -7.25
CA GLY C 131 15.57 -11.25 -7.81
C GLY C 131 15.59 -12.10 -9.08
N ILE C 132 16.76 -12.28 -9.68
CA ILE C 132 16.88 -13.11 -10.87
C ILE C 132 16.49 -14.55 -10.54
N GLY C 133 15.62 -15.14 -11.38
CA GLY C 133 15.17 -16.51 -11.14
C GLY C 133 14.29 -16.63 -9.90
N GLY C 134 13.77 -15.49 -9.45
CA GLY C 134 13.00 -15.43 -8.22
C GLY C 134 13.88 -15.41 -6.98
N GLY C 135 15.22 -15.33 -7.11
CA GLY C 135 16.07 -15.34 -5.92
C GLY C 135 15.81 -16.55 -5.05
N THR C 136 15.72 -16.32 -3.72
CA THR C 136 15.32 -17.34 -2.77
C THR C 136 13.89 -17.08 -2.28
N GLY C 137 13.10 -16.31 -3.05
CA GLY C 137 11.70 -16.05 -2.74
C GLY C 137 11.55 -14.99 -1.65
N CYS C 138 10.42 -15.04 -0.97
CA CYS C 138 10.07 -13.95 -0.09
C CYS C 138 11.08 -13.95 1.05
N PRO C 139 11.36 -12.79 1.65
CA PRO C 139 12.28 -12.78 2.81
C PRO C 139 11.85 -13.59 4.03
N VAL C 140 10.54 -13.60 4.32
CA VAL C 140 10.02 -14.21 5.54
C VAL C 140 10.04 -15.72 5.48
N HIS C 141 9.68 -16.32 4.34
CA HIS C 141 9.43 -17.76 4.25
C HIS C 141 10.40 -18.41 3.25
N LYS C 142 11.24 -17.62 2.58
CA LYS C 142 12.12 -18.15 1.52
C LYS C 142 11.33 -19.02 0.54
N ASP C 143 10.18 -18.49 0.10
CA ASP C 143 9.26 -19.21 -0.75
C ASP C 143 9.02 -18.39 -2.02
N ARG C 144 9.47 -18.87 -3.18
CA ARG C 144 9.20 -18.14 -4.41
C ARG C 144 7.70 -18.16 -4.76
N SER C 145 6.91 -19.12 -4.23
CA SER C 145 5.48 -19.20 -4.46
C SER C 145 4.70 -18.77 -3.22
N CYS C 146 5.29 -17.88 -2.42
CA CYS C 146 4.60 -17.41 -1.22
C CYS C 146 3.28 -16.76 -1.59
N TYR C 147 2.21 -17.17 -0.87
CA TYR C 147 0.84 -16.68 -1.05
C TYR C 147 0.49 -15.67 0.06
N ILE C 148 1.43 -15.48 0.98
CA ILE C 148 1.18 -14.65 2.16
C ILE C 148 1.78 -13.26 1.97
N CYS C 149 3.05 -13.19 1.59
CA CYS C 149 3.85 -11.98 1.60
C CYS C 149 3.42 -11.10 0.45
N HIS C 150 3.38 -9.79 0.73
CA HIS C 150 2.98 -8.81 -0.27
C HIS C 150 4.13 -8.57 -1.23
N ARG C 151 3.82 -8.52 -2.55
CA ARG C 151 4.75 -8.22 -3.60
C ARG C 151 4.45 -6.85 -4.19
N GLN C 152 5.44 -6.25 -4.85
CA GLN C 152 5.18 -5.04 -5.63
C GLN C 152 5.76 -5.12 -7.04
N LEU C 153 5.00 -4.60 -8.01
CA LEU C 153 5.38 -4.45 -9.43
C LEU C 153 5.19 -2.97 -9.76
N LEU C 154 5.90 -2.49 -10.78
CA LEU C 154 5.61 -1.19 -11.34
C LEU C 154 4.93 -1.41 -12.67
N PHE C 155 4.01 -0.51 -13.00
CA PHE C 155 3.41 -0.44 -14.32
C PHE C 155 3.83 0.92 -14.85
N CYS C 156 4.67 0.89 -15.89
CA CYS C 156 5.51 1.99 -16.26
C CYS C 156 5.20 2.49 -17.68
N ARG C 157 5.39 3.79 -17.85
CA ARG C 157 5.37 4.42 -19.15
C ARG C 157 6.77 4.30 -19.74
N VAL C 158 6.88 3.68 -20.92
CA VAL C 158 8.16 3.36 -21.53
C VAL C 158 8.17 3.90 -22.96
N THR C 159 9.23 4.68 -23.25
CA THR C 159 9.45 5.20 -24.60
C THR C 159 10.33 4.21 -25.35
N LEU C 160 9.76 3.56 -26.39
CA LEU C 160 10.53 2.57 -27.13
C LEU C 160 11.27 3.18 -28.32
N GLY C 161 10.75 4.26 -28.87
CA GLY C 161 11.29 4.83 -30.09
C GLY C 161 11.38 3.78 -31.19
N LYS C 162 12.46 3.88 -31.97
N LYS C 162 12.46 3.88 -31.99
CA LYS C 162 12.76 2.87 -32.97
CA LYS C 162 12.79 2.87 -32.98
C LYS C 162 13.29 1.63 -32.25
C LYS C 162 13.29 1.63 -32.25
N SER C 163 12.48 0.57 -32.24
CA SER C 163 12.76 -0.62 -31.48
C SER C 163 13.32 -1.72 -32.41
N PHE C 164 14.44 -2.29 -31.97
CA PHE C 164 15.04 -3.37 -32.73
C PHE C 164 14.28 -4.66 -32.43
N LEU C 165 13.73 -5.30 -33.46
CA LEU C 165 13.03 -6.55 -33.22
C LEU C 165 13.99 -7.73 -33.18
N GLN C 166 14.00 -8.39 -32.02
CA GLN C 166 14.79 -9.59 -31.82
C GLN C 166 13.81 -10.70 -31.52
N PHE C 167 13.70 -11.65 -32.42
CA PHE C 167 12.94 -12.86 -32.12
C PHE C 167 13.71 -13.71 -31.12
N SER C 168 12.98 -14.32 -30.20
CA SER C 168 13.58 -15.03 -29.10
C SER C 168 13.14 -16.48 -29.22
N ALA C 169 14.04 -17.42 -28.88
CA ALA C 169 13.74 -18.85 -28.99
C ALA C 169 12.85 -19.33 -27.83
N MET C 170 12.40 -18.42 -26.95
CA MET C 170 11.53 -18.73 -25.80
C MET C 170 10.03 -18.77 -26.18
N ALA D 2 24.89 -2.12 -22.44
CA ALA D 2 24.89 -1.96 -23.92
C ALA D 2 24.41 -0.55 -24.27
N HIS D 3 24.75 -0.11 -25.49
CA HIS D 3 24.45 1.24 -25.94
C HIS D 3 23.42 1.16 -27.07
N SER D 4 22.33 0.41 -26.83
CA SER D 4 21.28 0.16 -27.81
C SER D 4 21.86 -0.47 -29.08
N PRO D 5 21.02 -1.04 -29.98
CA PRO D 5 21.44 -1.32 -31.35
C PRO D 5 21.62 -0.01 -32.12
N PRO D 6 22.68 0.16 -32.96
CA PRO D 6 22.87 1.41 -33.69
C PRO D 6 21.62 1.87 -34.42
N GLY D 7 21.22 3.13 -34.16
CA GLY D 7 20.06 3.75 -34.80
C GLY D 7 18.74 3.30 -34.17
N HIS D 8 18.80 2.56 -33.04
CA HIS D 8 17.60 2.13 -32.33
C HIS D 8 17.61 2.66 -30.89
N HIS D 9 16.41 2.75 -30.29
CA HIS D 9 16.26 3.28 -28.94
C HIS D 9 15.90 2.21 -27.90
N SER D 10 15.63 1.01 -28.36
CA SER D 10 15.20 -0.07 -27.52
C SER D 10 15.28 -1.35 -28.32
N VAL D 11 15.08 -2.47 -27.61
CA VAL D 11 14.95 -3.79 -28.19
C VAL D 11 13.62 -4.39 -27.78
N THR D 12 12.99 -5.02 -28.77
CA THR D 12 11.76 -5.79 -28.59
C THR D 12 12.16 -7.24 -28.69
N GLY D 13 12.02 -7.91 -27.55
CA GLY D 13 12.33 -9.30 -27.46
C GLY D 13 11.03 -10.09 -27.61
N ARG D 14 10.86 -10.74 -28.74
CA ARG D 14 9.57 -11.33 -29.02
C ARG D 14 9.65 -12.84 -29.06
N PRO D 15 9.11 -13.55 -28.05
CA PRO D 15 9.11 -15.02 -28.06
C PRO D 15 8.50 -15.56 -29.36
N SER D 16 9.19 -16.54 -29.97
CA SER D 16 8.78 -17.14 -31.23
C SER D 16 8.34 -18.60 -31.04
N VAL D 17 8.62 -19.23 -29.88
CA VAL D 17 8.23 -20.62 -29.65
C VAL D 17 6.96 -20.70 -28.82
N ASN D 18 6.91 -20.00 -27.67
CA ASN D 18 5.67 -20.00 -26.91
C ASN D 18 4.73 -18.93 -27.47
N GLY D 19 3.65 -19.40 -28.11
CA GLY D 19 2.76 -18.56 -28.88
C GLY D 19 1.83 -17.73 -28.00
N LEU D 20 1.80 -18.06 -26.70
CA LEU D 20 1.03 -17.29 -25.73
C LEU D 20 1.90 -16.32 -24.96
N ALA D 21 3.21 -16.33 -25.16
CA ALA D 21 4.07 -15.44 -24.41
C ALA D 21 4.11 -14.09 -25.12
N LEU D 22 3.92 -12.99 -24.37
CA LEU D 22 3.96 -11.65 -24.92
C LEU D 22 5.39 -11.13 -24.94
N ALA D 23 5.59 -9.93 -25.49
CA ALA D 23 6.93 -9.42 -25.70
C ALA D 23 7.54 -8.88 -24.40
N GLU D 24 8.88 -8.84 -24.43
CA GLU D 24 9.72 -8.22 -23.42
C GLU D 24 10.50 -7.11 -24.13
N TYR D 25 10.86 -6.07 -23.39
CA TYR D 25 11.48 -4.89 -23.97
C TYR D 25 12.64 -4.44 -23.11
N VAL D 26 13.68 -3.92 -23.78
CA VAL D 26 14.87 -3.43 -23.12
C VAL D 26 15.10 -2.01 -23.56
N ILE D 27 15.37 -1.13 -22.58
CA ILE D 27 15.86 0.19 -22.83
C ILE D 27 17.23 0.32 -22.18
N TYR D 28 18.02 1.28 -22.70
CA TYR D 28 19.39 1.47 -22.23
C TYR D 28 19.59 2.82 -21.56
N ARG D 29 18.53 3.61 -21.47
CA ARG D 29 18.54 4.89 -20.78
C ARG D 29 17.42 4.84 -19.76
N GLY D 30 17.72 5.08 -18.47
CA GLY D 30 16.71 5.15 -17.43
C GLY D 30 15.65 6.21 -17.68
N GLU D 31 16.01 7.32 -18.37
CA GLU D 31 15.08 8.40 -18.67
C GLU D 31 13.97 8.03 -19.66
N GLN D 32 14.08 6.86 -20.32
CA GLN D 32 13.05 6.37 -21.22
C GLN D 32 11.99 5.56 -20.50
N ALA D 33 11.95 5.55 -19.15
CA ALA D 33 10.81 4.92 -18.48
C ALA D 33 10.39 5.78 -17.28
N TYR D 34 9.08 5.83 -17.01
CA TYR D 34 8.56 6.53 -15.84
C TYR D 34 7.76 5.50 -15.05
N PRO D 35 8.02 5.34 -13.73
CA PRO D 35 7.30 4.37 -12.92
C PRO D 35 5.94 4.88 -12.48
N GLU D 36 4.95 4.77 -13.35
CA GLU D 36 3.71 5.51 -13.18
CA GLU D 36 3.66 5.46 -13.23
C GLU D 36 2.84 4.93 -12.05
N TYR D 37 2.76 3.60 -11.93
CA TYR D 37 1.94 2.95 -10.91
C TYR D 37 2.78 1.96 -10.12
N LEU D 38 2.62 1.99 -8.80
CA LEU D 38 3.15 0.99 -7.89
C LEU D 38 2.01 0.10 -7.45
N ILE D 39 2.13 -1.21 -7.74
CA ILE D 39 1.06 -2.14 -7.50
C ILE D 39 1.52 -3.10 -6.41
N THR D 40 0.74 -3.18 -5.32
CA THR D 40 0.99 -4.11 -4.23
C THR D 40 -0.01 -5.25 -4.27
N TYR D 41 0.49 -6.50 -4.23
CA TYR D 41 -0.37 -7.65 -4.50
C TYR D 41 0.14 -8.92 -3.82
N GLN D 42 -0.70 -9.91 -3.86
CA GLN D 42 -0.34 -11.30 -3.58
C GLN D 42 -0.63 -12.14 -4.82
N ILE D 43 0.17 -13.18 -5.04
CA ILE D 43 -0.27 -14.23 -5.94
C ILE D 43 -1.31 -15.09 -5.22
N MET D 44 -2.27 -15.66 -5.97
N MET D 44 -2.29 -15.61 -5.97
CA MET D 44 -3.31 -16.47 -5.35
CA MET D 44 -3.34 -16.46 -5.42
C MET D 44 -3.15 -17.95 -5.67
C MET D 44 -2.97 -17.93 -5.61
N ARG D 45 -3.31 -18.76 -4.63
CA ARG D 45 -3.19 -20.21 -4.78
C ARG D 45 -4.35 -20.73 -5.61
N PRO D 46 -4.12 -21.46 -6.74
CA PRO D 46 -5.23 -22.00 -7.54
C PRO D 46 -6.14 -22.85 -6.62
N GLU D 47 -7.47 -22.76 -6.83
CA GLU D 47 -8.45 -23.16 -5.82
C GLU D 47 -8.99 -24.57 -6.12
#